data_1T1U
#
_entry.id   1T1U
#
_cell.length_a   138.949
_cell.length_b   77.505
_cell.length_c   59.209
_cell.angle_alpha   90.00
_cell.angle_beta   90.00
_cell.angle_gamma   90.00
#
_symmetry.space_group_name_H-M   'P 21 21 21'
#
loop_
_entity.id
_entity.type
_entity.pdbx_description
1 polymer 'Choline O-acetyltransferase'
2 water water
#
_entity_poly.entity_id   1
_entity_poly.type   'polypeptide(L)'
_entity_poly.pdbx_seq_one_letter_code
;PILEKAPQKMPVKASSWEELDLPKLPVPPLQQTLATYLQCMQHLVPEEQFRKSQAIVKRFGAPGGLGETLQEKLLERQEK
TANWVSEYWLNDMYLNNRLALPVNSSPAVIFARQHFQDTNDQLRFAACLISGVLSYKTLLDSHSLPTDWAKGQLSGQPLC
MKQYYRLFSSYRLPGHTQDTLVAQKSSIMPEPEHVIVACCNQFFVLDVVINFRRLSEGDLFTQLRKIVKMASNEDERLPP
IGLLTSDGRSEWAKARTVLLKDSTNRDSLDMIERCICLVCLDGPGTGELSDTHRALQLLHGGGCSLNGANRWYDKSLQFV
VGRDGTCGVVCEHSPFDGIVLVQCTEHLLKHMMTSNKKLVRADSVSELPAPRRLRWKCSPETQGHLASSAEKLQRIVKNL
DFIVYKFDNYGKTFIKKQKYSPDGFIQVALQLAYYRLYQRLVPTYESASIRRFQEGRVDNIRSATPEALAFVQAMTDHKA
AMPASEKLQLLQTAMQAQTEYTVMAITGMAIDNHLLALRELARDLCKEPPEMFMDETYLMSNRFVLSTSQVPTTMEMFCC
YGPVVPNGYGACYNPQPEAITFCISSFHSCKETSSVEFAEAVGASLVDMRDLCSSRQPADSKPPAPKEKARGPSQAKQS
;
_entity_poly.pdbx_strand_id   A
#
# COMPACT_ATOMS: atom_id res chain seq x y z
N GLU A 19 1.51 -21.42 12.34
CA GLU A 19 2.32 -20.42 13.01
C GLU A 19 3.76 -20.88 13.18
N LEU A 20 4.01 -21.53 14.26
CA LEU A 20 5.38 -21.89 14.49
C LEU A 20 5.98 -22.94 13.55
N ASP A 21 5.15 -23.63 12.81
CA ASP A 21 5.70 -24.64 11.90
C ASP A 21 5.99 -24.03 10.51
N LEU A 22 5.71 -22.73 10.36
CA LEU A 22 6.04 -22.08 9.14
C LEU A 22 7.53 -21.94 9.15
N PRO A 23 8.14 -21.78 7.97
CA PRO A 23 9.63 -21.62 7.89
C PRO A 23 10.20 -20.42 8.50
N LYS A 24 11.38 -20.43 9.05
CA LYS A 24 11.83 -19.10 9.44
C LYS A 24 12.47 -18.40 8.21
N LEU A 25 12.40 -17.10 8.17
CA LEU A 25 13.04 -16.31 7.09
C LEU A 25 14.53 -16.65 6.98
N PRO A 26 14.97 -17.02 5.78
CA PRO A 26 16.41 -17.35 5.64
C PRO A 26 17.36 -16.26 6.01
N VAL A 27 18.62 -16.55 6.22
CA VAL A 27 19.60 -15.45 6.22
C VAL A 27 20.56 -15.86 5.03
N PRO A 28 20.56 -15.02 3.91
CA PRO A 28 21.45 -15.28 2.78
C PRO A 28 22.92 -15.45 3.21
N PRO A 29 23.77 -15.82 2.41
CA PRO A 29 25.19 -15.89 2.71
C PRO A 29 25.71 -14.50 2.64
N LEU A 30 26.67 -14.16 3.42
CA LEU A 30 27.16 -12.82 3.28
C LEU A 30 27.80 -12.58 1.90
N GLN A 31 28.61 -13.47 1.39
CA GLN A 31 29.21 -13.17 0.11
C GLN A 31 28.20 -13.17 -1.02
N GLN A 32 27.11 -13.94 -0.97
CA GLN A 32 26.14 -13.89 -2.11
C GLN A 32 25.38 -12.56 -2.12
N THR A 33 25.20 -11.98 -0.97
CA THR A 33 24.47 -10.76 -0.93
C THR A 33 25.34 -9.63 -1.47
N LEU A 34 26.61 -9.63 -1.08
CA LEU A 34 27.56 -8.61 -1.56
C LEU A 34 27.76 -8.71 -3.05
N ALA A 35 27.76 -9.91 -3.58
CA ALA A 35 28.04 -10.04 -5.02
C ALA A 35 26.86 -9.56 -5.86
N THR A 36 25.70 -9.95 -5.37
CA THR A 36 24.46 -9.59 -6.06
C THR A 36 24.35 -8.07 -6.09
N TYR A 37 24.63 -7.44 -4.93
CA TYR A 37 24.62 -5.99 -4.72
C TYR A 37 25.48 -5.29 -5.74
N LEU A 38 26.72 -5.72 -5.95
CA LEU A 38 27.56 -5.02 -6.93
C LEU A 38 27.13 -5.25 -8.38
N GLN A 39 26.61 -6.43 -8.66
CA GLN A 39 26.14 -6.75 -9.97
C GLN A 39 24.92 -5.88 -10.30
N CYS A 40 23.99 -5.73 -9.32
CA CYS A 40 22.76 -4.94 -9.38
C CYS A 40 23.07 -3.51 -9.84
N MET A 41 24.02 -2.86 -9.11
CA MET A 41 24.44 -1.46 -9.23
C MET A 41 25.46 -1.05 -10.29
N GLN A 42 26.27 -1.93 -10.81
CA GLN A 42 27.30 -1.49 -11.75
C GLN A 42 26.81 -0.63 -12.92
N HIS A 43 25.71 -0.97 -13.56
CA HIS A 43 25.29 -0.12 -14.67
C HIS A 43 24.48 1.08 -14.20
N LEU A 44 24.28 1.27 -12.89
CA LEU A 44 23.47 2.37 -12.38
C LEU A 44 24.27 3.46 -11.73
N VAL A 45 25.59 3.34 -11.68
CA VAL A 45 26.42 4.41 -11.14
C VAL A 45 27.56 4.72 -12.13
N PRO A 46 28.20 5.85 -11.92
CA PRO A 46 29.40 6.18 -12.69
C PRO A 46 30.51 5.14 -12.51
N GLU A 47 31.33 4.91 -13.50
CA GLU A 47 32.47 4.02 -13.38
C GLU A 47 33.39 4.33 -12.16
N GLU A 48 33.86 5.53 -11.88
CA GLU A 48 34.80 5.65 -10.74
C GLU A 48 34.09 5.23 -9.44
N GLN A 49 32.96 5.85 -9.18
CA GLN A 49 32.13 5.52 -8.05
C GLN A 49 32.00 4.02 -7.86
N PHE A 50 31.67 3.30 -8.94
CA PHE A 50 31.60 1.86 -8.76
C PHE A 50 32.97 1.39 -8.13
N ARG A 51 34.15 1.59 -8.83
CA ARG A 51 35.56 1.19 -8.39
C ARG A 51 35.62 1.42 -6.91
N LYS A 52 35.21 2.60 -6.48
CA LYS A 52 35.21 2.89 -5.06
C LYS A 52 34.32 1.93 -4.28
N SER A 53 33.15 1.61 -4.82
CA SER A 53 32.21 0.68 -4.20
C SER A 53 32.82 -0.71 -4.15
N GLN A 54 33.56 -1.10 -5.16
CA GLN A 54 34.12 -2.45 -5.13
C GLN A 54 35.08 -2.63 -3.96
N ALA A 55 35.83 -1.57 -3.76
CA ALA A 55 36.81 -1.57 -2.71
C ALA A 55 36.21 -1.55 -1.29
N ILE A 56 35.16 -0.71 -1.13
CA ILE A 56 34.42 -0.61 0.13
C ILE A 56 33.81 -1.96 0.47
N VAL A 57 33.21 -2.58 -0.55
CA VAL A 57 32.58 -3.87 -0.34
C VAL A 57 33.55 -5.01 -0.07
N LYS A 58 34.74 -4.92 -0.65
CA LYS A 58 35.82 -5.92 -0.44
C LYS A 58 36.36 -5.76 0.97
N ARG A 59 36.51 -4.56 1.43
CA ARG A 59 36.95 -4.48 2.80
C ARG A 59 35.82 -4.92 3.72
N PHE A 60 34.59 -4.43 3.46
CA PHE A 60 33.44 -4.87 4.29
C PHE A 60 33.35 -6.36 4.49
N GLY A 61 33.60 -7.19 3.48
CA GLY A 61 33.36 -8.65 3.68
C GLY A 61 34.61 -9.53 3.64
N ALA A 62 35.76 -8.94 3.90
CA ALA A 62 36.98 -9.69 3.89
C ALA A 62 36.90 -10.59 5.12
N PRO A 63 37.84 -11.48 5.20
CA PRO A 63 37.97 -12.36 6.37
C PRO A 63 38.35 -11.59 7.64
N GLY A 64 37.56 -11.75 8.72
CA GLY A 64 37.81 -11.08 9.97
C GLY A 64 37.15 -9.72 10.00
N GLY A 65 36.62 -9.29 8.85
CA GLY A 65 36.07 -7.93 8.73
C GLY A 65 34.84 -7.59 9.57
N LEU A 66 34.22 -6.42 9.19
CA LEU A 66 32.99 -5.93 9.81
C LEU A 66 31.85 -6.77 9.35
N GLY A 67 31.77 -7.04 8.09
CA GLY A 67 30.65 -7.77 7.56
C GLY A 67 30.44 -9.14 8.22
N GLU A 68 31.52 -9.91 8.43
CA GLU A 68 31.41 -11.25 8.99
C GLU A 68 30.95 -11.17 10.50
N THR A 69 31.33 -10.11 11.23
CA THR A 69 30.93 -9.94 12.62
C THR A 69 29.44 -9.65 12.64
N LEU A 70 29.06 -8.72 11.79
CA LEU A 70 27.67 -8.36 11.71
C LEU A 70 26.82 -9.57 11.31
N GLN A 71 27.28 -10.40 10.35
CA GLN A 71 26.59 -11.61 9.90
C GLN A 71 26.29 -12.50 11.15
N GLU A 72 27.38 -12.79 11.84
CA GLU A 72 27.36 -13.59 13.06
C GLU A 72 26.22 -13.09 14.01
N LYS A 73 26.10 -11.78 14.28
CA LYS A 73 25.06 -11.18 15.11
C LYS A 73 23.67 -11.26 14.43
N LEU A 74 23.63 -11.51 13.11
CA LEU A 74 22.35 -11.69 12.36
C LEU A 74 21.85 -13.08 12.62
N LEU A 75 22.76 -14.03 12.56
CA LEU A 75 22.34 -15.39 12.88
C LEU A 75 22.08 -15.45 14.46
N GLU A 76 22.71 -14.62 15.38
CA GLU A 76 22.28 -14.55 16.82
C GLU A 76 20.71 -14.36 16.82
N ARG A 77 20.35 -13.27 16.12
CA ARG A 77 19.01 -12.78 15.85
C ARG A 77 18.12 -13.71 15.06
N GLN A 78 18.57 -14.38 14.03
CA GLN A 78 17.55 -15.19 13.33
C GLN A 78 17.07 -16.43 14.12
N GLU A 79 17.87 -16.99 15.05
CA GLU A 79 17.53 -18.22 15.85
C GLU A 79 16.62 -17.84 17.07
N LYS A 80 16.68 -16.52 17.35
CA LYS A 80 16.09 -15.76 18.46
C LYS A 80 14.73 -15.08 18.29
N THR A 81 14.44 -14.86 17.07
CA THR A 81 13.26 -14.22 16.73
C THR A 81 12.57 -15.00 15.65
N ALA A 82 11.25 -14.86 15.68
CA ALA A 82 10.47 -15.51 14.67
C ALA A 82 10.90 -15.06 13.24
N ASN A 83 11.12 -13.76 13.04
CA ASN A 83 11.49 -13.17 11.75
C ASN A 83 12.57 -12.10 12.03
N TRP A 84 13.78 -12.33 11.68
CA TRP A 84 14.79 -11.38 12.08
C TRP A 84 14.71 -9.96 11.52
N VAL A 85 13.89 -9.73 10.48
CA VAL A 85 13.76 -8.40 9.91
C VAL A 85 12.44 -7.67 10.27
N SER A 86 11.51 -8.33 10.94
CA SER A 86 10.19 -7.71 11.21
C SER A 86 10.31 -6.28 11.72
N GLU A 87 10.90 -6.13 12.87
CA GLU A 87 11.17 -4.84 13.48
C GLU A 87 11.82 -3.79 12.53
N TYR A 88 13.00 -4.14 12.04
CA TYR A 88 13.68 -3.27 11.13
C TYR A 88 12.87 -2.83 9.92
N TRP A 89 12.24 -3.80 9.29
CA TRP A 89 11.49 -3.57 8.08
C TRP A 89 10.31 -2.64 8.38
N LEU A 90 9.54 -2.94 9.41
CA LEU A 90 8.38 -2.14 9.79
C LEU A 90 8.76 -0.68 9.98
N ASN A 91 9.78 -0.48 10.78
CA ASN A 91 10.31 0.87 11.03
C ASN A 91 10.85 1.57 9.80
N ASP A 92 11.69 0.93 8.99
CA ASP A 92 12.33 1.52 7.82
C ASP A 92 11.40 1.80 6.62
N MET A 93 10.41 0.93 6.43
CA MET A 93 9.44 1.09 5.36
C MET A 93 8.34 2.09 5.73
N TYR A 94 7.85 1.97 6.96
CA TYR A 94 6.74 2.78 7.43
C TYR A 94 6.93 3.58 8.72
N LEU A 95 7.17 2.96 9.82
CA LEU A 95 7.08 3.85 10.98
C LEU A 95 8.03 5.05 11.07
N ASN A 96 9.24 4.98 10.44
CA ASN A 96 10.22 6.06 10.51
C ASN A 96 9.88 7.20 9.55
N ASN A 97 9.11 6.91 8.47
CA ASN A 97 8.77 7.87 7.42
C ASN A 97 7.94 9.03 7.98
N ARG A 98 8.39 10.23 7.71
CA ARG A 98 7.68 11.38 8.22
C ARG A 98 6.79 12.11 7.23
N LEU A 99 6.75 11.59 6.04
CA LEU A 99 5.79 12.19 5.09
C LEU A 99 4.35 11.88 5.48
N ALA A 100 3.46 12.72 5.12
CA ALA A 100 2.07 12.47 5.43
C ALA A 100 1.59 11.21 4.71
N LEU A 101 0.66 10.53 5.35
CA LEU A 101 0.13 9.30 4.88
C LEU A 101 -0.65 9.42 3.54
N PRO A 102 -1.42 10.49 3.29
CA PRO A 102 -2.08 10.61 1.97
C PRO A 102 -1.06 10.49 0.88
N VAL A 103 -1.42 9.85 -0.24
CA VAL A 103 -0.56 9.73 -1.44
C VAL A 103 0.83 9.14 -1.28
N ASN A 104 1.59 9.52 -0.23
CA ASN A 104 2.95 9.00 -0.02
C ASN A 104 3.02 7.60 0.49
N SER A 105 1.99 7.24 1.23
CA SER A 105 2.00 5.94 1.86
C SER A 105 0.73 5.09 1.72
N SER A 106 -0.49 5.65 1.98
CA SER A 106 -1.78 4.86 1.91
C SER A 106 -2.40 4.56 0.43
N PRO A 107 -2.43 3.28 0.24
CA PRO A 107 -3.13 2.68 -0.89
C PRO A 107 -4.64 3.00 -0.88
N ALA A 108 -5.05 3.03 -2.07
CA ALA A 108 -6.46 2.95 -2.28
C ALA A 108 -6.90 1.95 -3.30
N VAL A 109 -7.99 1.27 -2.99
CA VAL A 109 -8.59 0.35 -3.93
C VAL A 109 -9.93 1.01 -4.35
N ILE A 110 -10.15 1.13 -5.64
CA ILE A 110 -11.30 1.76 -6.22
C ILE A 110 -12.27 0.77 -6.90
N PHE A 111 -13.51 0.73 -6.41
CA PHE A 111 -14.51 -0.16 -6.90
C PHE A 111 -15.22 0.45 -8.07
N ALA A 112 -16.09 -0.31 -8.76
CA ALA A 112 -16.82 0.21 -9.88
C ALA A 112 -17.70 1.37 -9.42
N ARG A 113 -17.90 2.28 -10.33
CA ARG A 113 -18.78 3.38 -10.11
C ARG A 113 -20.17 2.84 -9.76
N GLN A 114 -20.76 3.36 -8.69
CA GLN A 114 -22.09 2.90 -8.29
C GLN A 114 -23.12 3.92 -8.70
N HIS A 115 -24.37 3.42 -8.84
CA HIS A 115 -25.50 4.31 -9.15
C HIS A 115 -26.47 4.50 -7.93
N PHE A 116 -26.28 5.61 -7.17
CA PHE A 116 -27.17 5.97 -6.03
C PHE A 116 -28.18 7.12 -6.32
N GLN A 117 -29.34 6.71 -6.82
CA GLN A 117 -30.37 7.67 -7.17
C GLN A 117 -30.47 8.63 -5.98
N ASP A 118 -30.99 8.14 -4.84
CA ASP A 118 -31.12 8.99 -3.61
C ASP A 118 -30.14 8.59 -2.49
N THR A 119 -30.08 9.42 -1.47
CA THR A 119 -29.23 9.22 -0.29
C THR A 119 -29.47 7.83 0.30
N ASN A 120 -30.71 7.34 0.26
CA ASN A 120 -30.93 6.05 0.89
C ASN A 120 -30.20 4.95 0.06
N ASP A 121 -30.17 5.05 -1.28
CA ASP A 121 -29.37 4.11 -2.08
C ASP A 121 -27.95 4.04 -1.54
N GLN A 122 -27.34 5.23 -1.30
CA GLN A 122 -25.95 5.32 -0.74
C GLN A 122 -25.86 4.58 0.58
N LEU A 123 -26.83 4.84 1.45
CA LEU A 123 -26.85 4.25 2.79
C LEU A 123 -27.13 2.76 2.86
N ARG A 124 -27.89 2.32 1.85
CA ARG A 124 -28.23 0.91 1.70
C ARG A 124 -26.98 0.15 1.31
N PHE A 125 -26.11 0.83 0.53
CA PHE A 125 -24.82 0.29 0.11
C PHE A 125 -23.95 0.21 1.34
N ALA A 126 -23.83 1.30 2.10
CA ALA A 126 -22.98 1.31 3.27
C ALA A 126 -23.37 0.26 4.32
N ALA A 127 -24.68 0.19 4.60
CA ALA A 127 -25.23 -0.78 5.52
C ALA A 127 -24.80 -2.20 5.12
N CYS A 128 -25.00 -2.60 3.85
CA CYS A 128 -24.66 -3.94 3.39
C CYS A 128 -23.15 -4.12 3.41
N LEU A 129 -22.37 -3.04 3.30
CA LEU A 129 -20.92 -3.20 3.39
C LEU A 129 -20.54 -3.50 4.86
N ILE A 130 -21.04 -2.66 5.71
CA ILE A 130 -20.70 -2.87 7.11
C ILE A 130 -21.11 -4.28 7.55
N SER A 131 -22.28 -4.64 7.12
CA SER A 131 -22.71 -5.89 7.64
C SER A 131 -21.78 -6.98 7.09
N GLY A 132 -21.08 -6.69 5.97
CA GLY A 132 -20.13 -7.65 5.31
C GLY A 132 -18.78 -7.68 6.03
N VAL A 133 -18.40 -6.51 6.52
CA VAL A 133 -17.21 -6.33 7.33
C VAL A 133 -17.33 -7.15 8.63
N LEU A 134 -18.56 -7.20 9.27
CA LEU A 134 -18.92 -7.86 10.56
C LEU A 134 -18.95 -9.38 10.45
N SER A 135 -19.30 -9.80 9.22
CA SER A 135 -19.35 -11.20 8.84
C SER A 135 -17.95 -11.62 8.47
N TYR A 136 -17.12 -10.69 8.04
CA TYR A 136 -15.78 -11.13 7.73
C TYR A 136 -14.99 -11.26 9.01
N LYS A 137 -15.20 -10.26 9.92
CA LYS A 137 -14.56 -10.22 11.24
C LYS A 137 -14.90 -11.46 12.00
N THR A 138 -16.17 -11.83 11.92
CA THR A 138 -16.53 -13.01 12.66
C THR A 138 -15.71 -14.20 12.21
N LEU A 139 -15.48 -14.34 10.92
CA LEU A 139 -14.66 -15.43 10.43
C LEU A 139 -13.32 -15.39 11.08
N LEU A 140 -12.73 -14.23 10.99
CA LEU A 140 -11.42 -14.06 11.59
C LEU A 140 -11.50 -14.42 13.09
N ASP A 141 -12.39 -13.74 13.87
CA ASP A 141 -12.53 -14.05 15.28
C ASP A 141 -12.72 -15.58 15.47
N SER A 142 -13.32 -16.31 14.54
CA SER A 142 -13.53 -17.77 14.68
C SER A 142 -12.41 -18.66 14.16
N HIS A 143 -11.40 -18.06 13.52
CA HIS A 143 -10.29 -18.86 12.97
C HIS A 143 -10.88 -19.83 12.01
N SER A 144 -11.76 -19.21 11.27
CA SER A 144 -12.54 -19.88 10.27
C SER A 144 -12.12 -19.52 8.81
N LEU A 145 -11.12 -18.62 8.69
CA LEU A 145 -10.58 -18.27 7.37
C LEU A 145 -9.63 -19.34 6.91
N PRO A 146 -9.94 -19.73 5.66
CA PRO A 146 -9.14 -20.71 4.93
C PRO A 146 -7.77 -20.22 4.80
N THR A 147 -6.86 -21.02 5.11
CA THR A 147 -5.52 -20.60 4.98
C THR A 147 -5.11 -20.50 3.52
N ASP A 148 -4.41 -19.39 3.24
CA ASP A 148 -3.97 -19.09 1.92
C ASP A 148 -3.19 -20.23 1.39
N TRP A 149 -3.77 -20.50 0.19
CA TRP A 149 -3.51 -21.56 -0.80
C TRP A 149 -4.74 -22.48 -0.71
N ALA A 150 -5.60 -22.20 0.33
CA ALA A 150 -6.93 -22.80 0.67
C ALA A 150 -7.93 -21.87 -0.06
N LYS A 151 -7.28 -20.75 -0.40
CA LYS A 151 -7.64 -19.60 -1.27
C LYS A 151 -6.17 -19.13 -1.73
N GLY A 152 -5.90 -18.17 -2.67
CA GLY A 152 -4.52 -17.85 -3.06
C GLY A 152 -3.74 -19.14 -2.88
N GLN A 153 -2.43 -19.02 -2.82
CA GLN A 153 -1.88 -20.37 -2.83
C GLN A 153 -0.37 -20.35 -2.97
N LEU A 154 0.53 -20.75 -2.19
CA LEU A 154 1.55 -20.73 -3.18
C LEU A 154 1.83 -22.24 -3.45
N SER A 155 2.79 -22.51 -4.24
CA SER A 155 3.34 -23.84 -4.71
C SER A 155 2.98 -25.27 -4.17
N GLY A 156 2.91 -25.35 -2.84
CA GLY A 156 2.47 -26.40 -1.89
C GLY A 156 2.44 -26.08 -0.33
N GLN A 157 2.67 -24.88 -0.13
CA GLN A 157 2.65 -24.50 1.17
C GLN A 157 1.57 -23.59 1.33
N PRO A 158 1.43 -23.60 2.58
CA PRO A 158 0.55 -22.61 3.28
C PRO A 158 1.46 -21.27 3.50
N LEU A 159 0.69 -20.20 3.60
CA LEU A 159 1.29 -18.84 3.80
C LEU A 159 0.80 -18.33 5.19
N CYS A 160 1.59 -17.39 5.62
CA CYS A 160 1.38 -16.66 6.93
C CYS A 160 0.19 -15.89 6.92
N MET A 161 -0.75 -16.02 7.78
CA MET A 161 -2.02 -15.35 7.81
C MET A 161 -1.98 -14.23 8.89
N LYS A 162 -0.87 -13.93 9.58
CA LYS A 162 -0.87 -12.87 10.63
C LYS A 162 -1.35 -11.48 10.11
N GLN A 163 -1.23 -11.15 8.80
CA GLN A 163 -1.76 -9.80 8.32
C GLN A 163 -3.18 -9.61 8.37
N TYR A 164 -4.00 -10.78 8.26
CA TYR A 164 -5.41 -10.71 8.38
C TYR A 164 -5.93 -10.34 9.68
N TYR A 165 -5.17 -10.76 10.77
CA TYR A 165 -5.52 -10.47 12.23
C TYR A 165 -5.19 -9.15 12.60
N ARG A 166 -4.55 -8.29 11.69
CA ARG A 166 -4.31 -6.97 11.88
C ARG A 166 -5.19 -5.98 11.05
N LEU A 167 -6.19 -6.43 10.25
CA LEU A 167 -7.02 -5.64 9.39
C LEU A 167 -7.85 -4.64 10.22
N PHE A 168 -8.46 -5.19 11.34
CA PHE A 168 -9.36 -4.33 12.13
C PHE A 168 -8.91 -3.96 13.38
N SER A 169 -7.82 -4.53 13.94
CA SER A 169 -7.27 -4.27 15.23
C SER A 169 -5.97 -3.46 15.38
N SER A 170 -5.74 -2.63 14.36
CA SER A 170 -4.66 -1.76 14.40
C SER A 170 -4.95 -0.30 14.36
N TYR A 171 -3.93 0.39 14.85
CA TYR A 171 -3.99 1.85 14.73
C TYR A 171 -2.59 2.38 14.68
N ARG A 172 -2.24 3.33 13.85
CA ARG A 172 -0.94 3.85 13.78
C ARG A 172 -0.77 5.10 14.39
N LEU A 173 -0.17 5.14 15.58
CA LEU A 173 0.04 6.42 16.49
C LEU A 173 1.16 7.20 15.97
N PRO A 174 0.99 8.49 15.69
CA PRO A 174 2.11 9.39 15.18
C PRO A 174 2.97 9.62 16.36
N GLY A 175 4.27 9.62 15.98
CA GLY A 175 5.38 9.97 17.00
C GLY A 175 6.09 11.17 16.45
N HIS A 176 6.86 11.80 17.33
CA HIS A 176 7.76 12.91 16.93
C HIS A 176 8.98 12.54 16.08
N THR A 177 9.44 11.32 16.25
CA THR A 177 10.46 10.84 15.33
C THR A 177 10.15 9.53 14.81
N GLN A 178 9.33 8.67 15.55
CA GLN A 178 9.03 7.36 15.12
C GLN A 178 7.58 7.00 15.41
N ASP A 179 6.72 6.52 14.49
CA ASP A 179 5.34 6.16 14.82
C ASP A 179 5.28 4.83 15.43
N THR A 180 4.17 4.47 16.00
CA THR A 180 3.99 3.24 16.68
C THR A 180 2.72 2.55 16.03
N LEU A 181 2.85 1.23 15.75
CA LEU A 181 1.77 0.42 15.37
C LEU A 181 1.31 -0.32 16.57
N VAL A 182 0.12 0.08 16.94
CA VAL A 182 -0.51 -0.51 18.06
C VAL A 182 -1.46 -1.59 17.69
N ALA A 183 -1.39 -2.60 18.53
CA ALA A 183 -2.20 -3.72 18.34
C ALA A 183 -3.18 -3.91 19.43
N GLN A 184 -4.32 -4.04 18.85
CA GLN A 184 -5.42 -4.59 19.50
C GLN A 184 -6.49 -3.86 20.01
N LYS A 185 -7.60 -4.01 19.46
CA LYS A 185 -8.41 -3.87 20.60
C LYS A 185 -9.05 -5.25 20.71
N SER A 186 -8.78 -6.26 19.88
CA SER A 186 -9.30 -7.55 19.44
C SER A 186 -9.67 -8.43 20.64
N SER A 187 -9.60 -8.44 21.95
CA SER A 187 -10.04 -9.68 22.65
C SER A 187 -10.75 -9.72 24.01
N ILE A 188 -10.22 -9.45 25.20
CA ILE A 188 -11.06 -9.80 26.44
C ILE A 188 -12.37 -9.26 27.05
N MET A 189 -12.28 -8.39 26.68
CA MET A 189 -12.85 -7.32 26.70
C MET A 189 -14.16 -8.10 26.77
N PRO A 190 -15.38 -8.66 25.95
CA PRO A 190 -15.59 -9.10 24.53
C PRO A 190 -15.26 -8.10 23.46
N GLU A 191 -16.03 -7.10 23.79
CA GLU A 191 -16.49 -5.81 23.29
C GLU A 191 -15.89 -4.70 22.41
N PRO A 192 -14.69 -4.57 21.87
CA PRO A 192 -14.66 -3.36 20.99
C PRO A 192 -15.71 -3.33 19.84
N GLU A 193 -17.07 -3.30 19.89
CA GLU A 193 -17.49 -3.45 18.58
C GLU A 193 -18.30 -2.31 17.99
N HIS A 194 -17.51 -1.49 17.32
CA HIS A 194 -18.05 -0.30 16.66
C HIS A 194 -17.22 0.30 15.55
N VAL A 195 -18.03 0.82 14.61
CA VAL A 195 -17.58 1.50 13.32
C VAL A 195 -17.58 2.87 13.81
N ILE A 196 -16.61 3.69 13.19
CA ILE A 196 -16.69 5.10 13.13
C ILE A 196 -17.25 5.55 11.90
N VAL A 197 -18.26 6.30 11.87
CA VAL A 197 -18.77 6.84 10.64
C VAL A 197 -18.49 8.31 10.43
N ALA A 198 -17.82 8.71 9.34
CA ALA A 198 -17.47 10.09 9.09
C ALA A 198 -18.44 10.55 8.07
N CYS A 199 -19.11 11.72 8.40
CA CYS A 199 -20.03 12.37 7.42
C CYS A 199 -19.97 13.95 7.71
N CYS A 200 -19.71 14.68 6.66
CA CYS A 200 -19.61 16.20 6.74
C CYS A 200 -18.49 16.49 7.65
N ASN A 201 -17.44 15.65 7.70
CA ASN A 201 -16.26 15.80 8.58
C ASN A 201 -16.46 15.61 10.03
N GLN A 202 -17.68 15.10 10.43
CA GLN A 202 -18.03 14.73 11.77
C GLN A 202 -17.85 13.24 11.95
N PHE A 203 -17.60 12.82 13.16
CA PHE A 203 -17.48 11.40 13.46
C PHE A 203 -18.48 10.86 14.45
N PHE A 204 -19.07 9.82 14.13
CA PHE A 204 -20.15 9.12 14.96
C PHE A 204 -19.86 7.79 15.18
N VAL A 205 -20.19 7.31 16.52
CA VAL A 205 -19.99 5.95 17.03
C VAL A 205 -21.24 5.18 16.48
N LEU A 206 -20.98 4.14 15.65
CA LEU A 206 -21.90 3.14 15.31
C LEU A 206 -21.60 1.81 15.89
N ASP A 207 -22.30 1.57 17.08
CA ASP A 207 -22.30 0.33 17.79
C ASP A 207 -23.03 -0.77 17.00
N VAL A 208 -22.40 -1.90 16.85
CA VAL A 208 -22.99 -2.93 15.98
C VAL A 208 -23.69 -4.02 16.97
N VAL A 209 -23.51 -3.87 18.26
CA VAL A 209 -24.22 -4.86 19.13
C VAL A 209 -25.01 -3.87 20.07
N ILE A 210 -26.48 -3.87 20.10
CA ILE A 210 -27.23 -3.04 20.92
C ILE A 210 -28.36 -4.02 21.51
N ASN A 211 -28.49 -3.86 22.94
CA ASN A 211 -29.56 -4.69 23.57
C ASN A 211 -29.19 -6.07 23.44
N PHE A 212 -27.91 -6.49 23.42
CA PHE A 212 -27.37 -7.84 23.36
C PHE A 212 -27.87 -8.66 22.23
N ARG A 213 -27.80 -7.95 20.99
CA ARG A 213 -28.18 -8.47 19.71
C ARG A 213 -27.32 -7.77 18.69
N ARG A 214 -26.76 -8.53 17.74
CA ARG A 214 -26.02 -7.89 16.64
C ARG A 214 -27.09 -7.15 15.74
N LEU A 215 -26.74 -6.01 15.06
CA LEU A 215 -27.60 -5.29 14.45
C LEU A 215 -27.72 -5.94 12.99
N SER A 216 -28.91 -5.87 12.49
CA SER A 216 -29.16 -6.35 11.15
C SER A 216 -28.64 -5.29 10.01
N GLU A 217 -28.65 -5.74 8.77
CA GLU A 217 -28.64 -4.66 7.62
C GLU A 217 -29.47 -3.50 7.72
N GLY A 218 -30.86 -3.84 7.96
CA GLY A 218 -31.73 -2.89 8.23
C GLY A 218 -31.70 -1.82 9.23
N ASP A 219 -31.24 -2.29 10.38
CA ASP A 219 -30.98 -1.47 11.52
C ASP A 219 -29.65 -0.60 11.26
N LEU A 220 -28.75 -1.22 10.51
CA LEU A 220 -27.54 -0.31 10.40
C LEU A 220 -27.95 0.81 9.34
N PHE A 221 -28.84 0.44 8.34
CA PHE A 221 -29.37 1.46 7.59
C PHE A 221 -30.08 2.61 8.20
N THR A 222 -31.02 2.18 9.18
CA THR A 222 -31.75 3.02 10.14
C THR A 222 -30.76 4.06 10.91
N GLN A 223 -29.74 3.40 11.35
CA GLN A 223 -28.73 4.15 12.19
C GLN A 223 -28.11 5.22 11.24
N LEU A 224 -27.61 4.84 10.12
CA LEU A 224 -26.93 5.73 9.20
C LEU A 224 -27.74 6.92 8.60
N ARG A 225 -29.12 6.65 8.42
CA ARG A 225 -29.93 7.64 8.43
C ARG A 225 -29.96 8.72 9.38
N LYS A 226 -29.99 8.29 10.67
CA LYS A 226 -29.82 9.25 11.70
C LYS A 226 -28.59 10.03 11.77
N ILE A 227 -27.48 9.38 11.38
CA ILE A 227 -26.17 10.01 11.21
C ILE A 227 -26.24 11.02 10.19
N VAL A 228 -26.80 10.78 8.90
CA VAL A 228 -26.75 11.81 7.99
C VAL A 228 -27.59 13.09 8.46
N LYS A 229 -28.66 12.75 9.16
CA LYS A 229 -29.44 13.97 9.73
C LYS A 229 -28.77 14.70 10.57
N MET A 230 -28.07 14.04 11.56
CA MET A 230 -27.29 14.83 12.48
C MET A 230 -26.10 15.53 12.02
N ALA A 231 -25.42 14.94 11.02
CA ALA A 231 -24.27 15.59 10.51
C ALA A 231 -24.40 16.78 9.62
N SER A 232 -25.59 16.80 8.90
CA SER A 232 -25.89 17.82 8.10
C SER A 232 -26.55 19.01 8.85
N ASN A 233 -26.67 19.01 10.19
CA ASN A 233 -27.16 20.18 10.92
C ASN A 233 -26.04 21.16 11.18
N GLU A 234 -25.95 22.16 10.41
CA GLU A 234 -24.92 23.23 10.50
C GLU A 234 -24.89 23.68 11.93
N ASP A 235 -25.77 23.67 12.91
CA ASP A 235 -25.31 24.18 14.33
C ASP A 235 -24.79 23.16 15.33
N GLU A 236 -23.61 22.55 15.30
CA GLU A 236 -23.56 21.21 16.29
C GLU A 236 -22.33 20.87 15.44
N ARG A 237 -22.14 21.53 14.22
CA ARG A 237 -21.02 21.14 13.32
C ARG A 237 -19.77 21.52 14.19
N LEU A 238 -18.87 20.54 14.32
CA LEU A 238 -17.60 20.54 15.02
C LEU A 238 -16.43 20.64 13.98
N PRO A 239 -15.37 21.24 14.39
CA PRO A 239 -14.22 21.54 13.55
C PRO A 239 -13.85 19.98 12.87
N PRO A 240 -13.21 20.21 11.82
CA PRO A 240 -12.80 19.02 11.03
C PRO A 240 -11.58 18.26 11.54
N ILE A 241 -11.53 17.68 12.74
CA ILE A 241 -10.36 17.25 13.34
C ILE A 241 -9.52 16.13 12.45
N GLY A 242 -10.38 15.38 11.66
CA GLY A 242 -9.74 14.39 10.73
C GLY A 242 -8.70 15.02 9.86
N LEU A 243 -8.82 16.26 9.52
CA LEU A 243 -7.81 16.93 8.70
C LEU A 243 -6.42 16.75 9.29
N LEU A 244 -6.24 16.84 10.63
CA LEU A 244 -4.98 16.71 11.34
C LEU A 244 -4.19 15.47 11.02
N THR A 245 -4.96 14.39 10.69
CA THR A 245 -4.42 13.09 10.33
C THR A 245 -3.77 13.09 8.95
N SER A 246 -4.13 14.03 8.12
CA SER A 246 -3.59 14.13 6.76
C SER A 246 -2.08 14.68 6.72
N ASP A 247 -1.62 15.34 7.77
CA ASP A 247 -0.35 16.07 7.71
C ASP A 247 0.77 15.09 8.04
N GLY A 248 1.91 15.74 7.85
CA GLY A 248 3.04 15.02 8.14
C GLY A 248 3.16 14.48 9.49
N ARG A 249 3.80 13.30 9.71
CA ARG A 249 3.84 12.53 11.03
C ARG A 249 4.16 13.33 12.24
N SER A 250 5.26 14.10 12.02
CA SER A 250 5.68 14.83 13.25
C SER A 250 4.77 15.99 13.46
N GLU A 251 4.13 16.57 12.55
CA GLU A 251 3.13 17.66 12.53
C GLU A 251 1.95 17.17 13.29
N TRP A 252 1.44 15.96 12.92
CA TRP A 252 0.31 15.31 13.65
C TRP A 252 0.63 14.84 15.06
N ALA A 253 1.83 14.31 15.31
CA ALA A 253 2.19 14.00 16.68
C ALA A 253 2.06 15.42 17.46
N LYS A 254 2.54 16.42 16.98
CA LYS A 254 2.46 17.67 17.80
C LYS A 254 1.08 18.01 17.96
N ALA A 255 0.16 17.99 17.03
CA ALA A 255 -1.22 18.43 17.08
C ALA A 255 -1.96 17.51 18.00
N ARG A 256 -1.78 16.13 17.88
CA ARG A 256 -2.36 15.20 18.83
C ARG A 256 -2.02 15.38 20.25
N THR A 257 -0.72 15.70 20.54
CA THR A 257 -0.38 15.98 21.88
C THR A 257 -1.18 17.23 22.38
N VAL A 258 -1.33 18.25 21.66
CA VAL A 258 -2.27 19.36 22.22
C VAL A 258 -3.59 18.89 22.44
N LEU A 259 -4.22 18.08 21.45
CA LEU A 259 -5.53 17.53 21.79
C LEU A 259 -5.49 16.70 23.08
N LEU A 260 -4.64 15.93 23.49
CA LEU A 260 -4.45 15.05 24.63
C LEU A 260 -4.62 15.92 26.04
N LYS A 261 -4.58 17.15 25.85
CA LYS A 261 -4.59 17.92 27.15
C LYS A 261 -5.94 17.96 27.63
N ASP A 262 -7.01 17.78 26.78
CA ASP A 262 -8.45 17.72 27.21
C ASP A 262 -9.08 16.51 27.36
N SER A 263 -9.89 16.20 28.41
CA SER A 263 -10.45 14.80 28.61
C SER A 263 -11.51 14.38 27.57
N THR A 264 -12.31 15.31 27.02
CA THR A 264 -13.24 15.12 26.01
C THR A 264 -12.36 14.59 24.87
N ASN A 265 -11.53 15.43 24.41
CA ASN A 265 -10.61 14.83 23.40
C ASN A 265 -10.11 13.62 23.63
N ARG A 266 -9.44 13.19 24.68
CA ARG A 266 -8.98 12.02 24.86
C ARG A 266 -9.88 10.81 24.68
N ASP A 267 -11.15 11.06 25.20
CA ASP A 267 -12.29 10.13 24.94
C ASP A 267 -12.59 9.78 23.57
N SER A 268 -12.65 10.91 22.83
CA SER A 268 -13.00 10.89 21.40
C SER A 268 -11.77 10.12 20.62
N LEU A 269 -10.60 10.53 20.88
CA LEU A 269 -9.48 9.77 20.25
C LEU A 269 -9.52 8.34 20.62
N ASP A 270 -9.79 7.88 21.93
CA ASP A 270 -9.86 6.53 22.17
C ASP A 270 -10.89 5.71 21.43
N MET A 271 -12.07 6.35 21.29
CA MET A 271 -13.18 5.72 20.46
C MET A 271 -12.59 5.36 19.08
N ILE A 272 -11.97 6.33 18.45
CA ILE A 272 -11.41 6.13 17.05
C ILE A 272 -10.39 5.12 16.98
N GLU A 273 -9.47 5.16 18.01
CA GLU A 273 -8.46 4.12 18.07
C GLU A 273 -8.81 2.69 18.28
N ARG A 274 -10.02 2.55 18.83
CA ARG A 274 -10.55 1.15 19.25
C ARG A 274 -11.55 0.79 18.21
N CYS A 275 -11.98 1.53 17.25
CA CYS A 275 -12.90 1.08 16.22
C CYS A 275 -12.55 -0.11 15.38
N ILE A 276 -13.43 -0.71 14.64
CA ILE A 276 -13.11 -1.77 13.66
C ILE A 276 -12.55 -1.15 12.39
N CYS A 277 -13.15 -0.10 11.99
CA CYS A 277 -12.83 0.60 10.72
C CYS A 277 -13.58 1.85 10.69
N LEU A 278 -13.31 2.75 9.66
CA LEU A 278 -14.15 3.91 9.38
C LEU A 278 -14.98 3.60 8.13
N VAL A 279 -16.14 4.13 8.08
CA VAL A 279 -16.98 4.35 6.96
C VAL A 279 -17.20 5.73 6.59
N CYS A 280 -16.78 6.26 5.42
CA CYS A 280 -16.78 7.63 5.02
C CYS A 280 -17.88 7.83 4.19
N LEU A 281 -18.94 8.63 4.60
CA LEU A 281 -20.10 8.99 3.68
C LEU A 281 -19.71 10.27 2.93
N ASP A 282 -18.97 10.31 1.93
CA ASP A 282 -18.47 11.42 1.15
C ASP A 282 -19.61 12.12 0.44
N GLY A 283 -19.46 13.37 0.34
CA GLY A 283 -20.21 14.27 -0.64
C GLY A 283 -20.00 14.01 -2.03
N PRO A 284 -20.79 14.52 -2.87
CA PRO A 284 -20.58 14.47 -4.33
C PRO A 284 -19.34 15.34 -4.79
N GLY A 285 -18.57 14.77 -5.59
CA GLY A 285 -17.52 15.60 -6.19
C GLY A 285 -18.24 16.20 -7.50
N THR A 286 -17.16 16.80 -7.78
CA THR A 286 -16.39 17.69 -8.55
C THR A 286 -16.91 18.18 -9.81
N GLY A 287 -17.42 17.19 -10.48
CA GLY A 287 -18.04 17.31 -11.74
C GLY A 287 -17.34 16.40 -12.78
N GLU A 288 -17.30 15.13 -13.07
CA GLU A 288 -16.58 13.90 -12.71
C GLU A 288 -16.64 12.68 -13.64
N LEU A 289 -16.23 11.80 -13.79
CA LEU A 289 -16.53 10.56 -13.00
C LEU A 289 -15.54 9.41 -13.15
N SER A 290 -14.47 9.70 -13.88
CA SER A 290 -13.62 8.65 -14.43
C SER A 290 -12.81 7.96 -13.38
N ASP A 291 -12.20 6.87 -13.79
CA ASP A 291 -11.62 5.80 -12.99
C ASP A 291 -10.52 6.69 -12.29
N THR A 292 -9.95 7.48 -13.17
CA THR A 292 -8.93 8.40 -12.63
C THR A 292 -9.40 9.34 -11.50
N HIS A 293 -10.62 10.05 -11.82
CA HIS A 293 -11.20 10.93 -10.80
C HIS A 293 -11.65 10.18 -9.60
N ARG A 294 -12.28 8.99 -9.71
CA ARG A 294 -12.70 8.33 -8.48
C ARG A 294 -11.41 7.91 -7.56
N ALA A 295 -10.24 7.61 -8.28
CA ALA A 295 -9.05 7.25 -7.56
C ALA A 295 -8.52 8.40 -6.83
N LEU A 296 -8.67 9.63 -7.43
CA LEU A 296 -8.12 10.85 -6.68
C LEU A 296 -8.88 11.07 -5.50
N GLN A 297 -10.21 10.88 -5.47
CA GLN A 297 -11.16 10.98 -4.25
C GLN A 297 -10.63 9.97 -3.18
N LEU A 298 -10.37 8.77 -3.61
CA LEU A 298 -9.99 7.66 -2.66
C LEU A 298 -8.59 8.12 -2.17
N LEU A 299 -7.65 8.62 -2.90
CA LEU A 299 -6.32 8.85 -2.40
C LEU A 299 -6.26 10.06 -1.40
N HIS A 300 -6.94 11.10 -1.57
CA HIS A 300 -6.79 12.31 -0.78
C HIS A 300 -8.08 13.07 -0.59
N GLY A 301 -9.19 12.62 -1.07
CA GLY A 301 -10.53 13.22 -1.01
C GLY A 301 -10.66 14.47 -1.73
N GLY A 302 -9.77 14.92 -2.46
CA GLY A 302 -9.98 16.26 -3.02
C GLY A 302 -9.55 17.34 -2.28
N GLY A 303 -9.07 17.25 -1.04
CA GLY A 303 -8.68 18.27 -0.20
C GLY A 303 -9.83 18.75 0.87
N CYS A 304 -9.46 19.84 1.59
CA CYS A 304 -10.17 20.68 2.54
C CYS A 304 -11.64 20.80 2.18
N SER A 305 -11.91 21.38 1.02
CA SER A 305 -13.25 21.80 0.50
C SER A 305 -14.11 20.71 -0.07
N LEU A 306 -13.52 19.58 -0.22
CA LEU A 306 -14.22 18.43 -0.74
C LEU A 306 -14.38 17.36 0.33
N ASN A 307 -14.09 16.11 0.03
CA ASN A 307 -13.95 15.23 1.09
C ASN A 307 -12.59 14.85 1.95
N GLY A 308 -11.57 15.74 1.75
CA GLY A 308 -10.25 15.38 2.37
C GLY A 308 -10.19 15.46 3.78
N ALA A 309 -11.09 16.08 4.51
CA ALA A 309 -11.12 16.04 6.03
C ALA A 309 -12.11 14.98 6.38
N ASN A 310 -12.80 14.23 5.60
CA ASN A 310 -13.82 13.22 6.08
C ASN A 310 -13.09 11.88 6.16
N ARG A 311 -12.05 11.85 6.99
CA ARG A 311 -11.03 10.82 6.96
C ARG A 311 -10.37 10.72 8.34
N TRP A 312 -9.75 9.64 8.62
CA TRP A 312 -8.87 9.46 9.69
C TRP A 312 -7.81 8.43 9.37
N TYR A 313 -6.68 8.98 8.86
CA TYR A 313 -5.69 8.21 8.23
C TYR A 313 -4.93 7.19 9.11
N ASP A 314 -4.89 7.42 10.46
CA ASP A 314 -4.17 6.48 11.22
C ASP A 314 -4.85 5.12 11.43
N LYS A 315 -6.18 5.04 11.07
CA LYS A 315 -7.01 3.80 11.18
C LYS A 315 -6.82 2.95 9.88
N SER A 316 -6.64 1.61 9.95
CA SER A 316 -6.15 0.86 8.83
C SER A 316 -6.96 0.73 7.67
N LEU A 317 -8.36 0.75 7.83
CA LEU A 317 -9.33 0.65 6.70
C LEU A 317 -10.31 1.72 6.78
N GLN A 318 -10.42 2.60 5.72
CA GLN A 318 -11.50 3.61 5.69
C GLN A 318 -12.30 3.32 4.46
N PHE A 319 -13.48 2.76 4.59
CA PHE A 319 -14.29 2.48 3.37
C PHE A 319 -15.08 3.69 2.95
N VAL A 320 -14.92 4.18 1.82
CA VAL A 320 -15.57 5.41 1.19
C VAL A 320 -16.77 4.87 0.41
N VAL A 321 -17.91 5.42 0.82
CA VAL A 321 -19.21 5.29 0.11
C VAL A 321 -19.80 6.68 -0.12
N GLY A 322 -19.47 7.20 -1.32
CA GLY A 322 -19.67 8.55 -1.76
C GLY A 322 -21.11 8.72 -2.30
N ARG A 323 -21.77 9.87 -2.13
CA ARG A 323 -23.13 10.13 -2.50
C ARG A 323 -23.27 9.91 -3.98
N ASP A 324 -22.32 10.23 -4.77
CA ASP A 324 -22.21 10.20 -6.21
C ASP A 324 -21.90 8.80 -6.68
N GLY A 325 -21.67 7.78 -5.80
CA GLY A 325 -21.30 6.48 -6.46
C GLY A 325 -19.87 6.12 -6.38
N THR A 326 -18.94 7.09 -5.92
CA THR A 326 -17.43 6.74 -5.81
C THR A 326 -17.45 6.02 -4.45
N CYS A 327 -16.90 4.92 -4.63
CA CYS A 327 -16.73 3.93 -3.53
C CYS A 327 -15.27 3.23 -3.59
N GLY A 328 -14.85 2.87 -2.47
CA GLY A 328 -13.62 2.04 -2.36
C GLY A 328 -13.07 2.03 -0.97
N VAL A 329 -11.82 1.72 -0.73
CA VAL A 329 -11.18 1.64 0.52
C VAL A 329 -9.76 2.27 0.48
N VAL A 330 -9.52 3.11 1.48
CA VAL A 330 -8.20 3.69 1.70
C VAL A 330 -7.55 2.96 2.81
N CYS A 331 -6.24 2.48 2.72
CA CYS A 331 -5.55 1.55 3.50
C CYS A 331 -4.45 2.26 4.22
N GLU A 332 -4.19 2.10 5.51
CA GLU A 332 -2.96 2.45 6.21
C GLU A 332 -2.16 1.25 5.99
N HIS A 333 -0.97 1.38 5.25
CA HIS A 333 -0.15 0.19 4.73
C HIS A 333 0.66 -0.43 5.90
N SER A 334 0.95 0.22 6.94
CA SER A 334 1.86 -0.46 7.95
C SER A 334 1.45 -1.78 8.42
N PRO A 335 0.24 -2.17 8.71
CA PRO A 335 -0.03 -3.49 9.24
C PRO A 335 -0.14 -4.59 8.21
N PHE A 336 -0.35 -4.42 6.89
CA PHE A 336 -0.56 -5.42 5.98
C PHE A 336 -0.39 -4.95 4.58
N ASP A 337 -0.10 -5.92 3.64
CA ASP A 337 0.15 -5.55 2.19
C ASP A 337 -1.05 -5.75 1.38
N GLY A 338 -0.77 -5.57 0.09
CA GLY A 338 -1.88 -5.50 -0.83
C GLY A 338 -2.69 -6.82 -1.15
N ILE A 339 -2.04 -7.91 -1.08
CA ILE A 339 -2.71 -9.11 -1.39
C ILE A 339 -3.73 -9.47 -0.24
N VAL A 340 -3.44 -9.29 0.95
CA VAL A 340 -4.42 -9.38 2.13
C VAL A 340 -5.37 -8.36 2.14
N LEU A 341 -5.16 -7.13 1.75
CA LEU A 341 -6.14 -6.10 1.56
C LEU A 341 -7.13 -6.48 0.36
N VAL A 342 -6.67 -7.02 -0.69
CA VAL A 342 -7.49 -7.39 -1.72
C VAL A 342 -8.34 -8.70 -1.30
N GLN A 343 -7.76 -9.58 -0.56
CA GLN A 343 -8.58 -10.81 -0.16
C GLN A 343 -9.60 -10.39 0.73
N CYS A 344 -9.42 -9.50 1.61
CA CYS A 344 -10.37 -9.06 2.56
C CYS A 344 -11.55 -8.35 1.73
N THR A 345 -11.18 -7.33 0.87
CA THR A 345 -12.10 -6.56 0.13
C THR A 345 -12.97 -7.44 -0.88
N GLU A 346 -12.30 -8.40 -1.40
CA GLU A 346 -13.15 -9.25 -2.35
C GLU A 346 -14.19 -10.17 -1.56
N HIS A 347 -13.79 -10.53 -0.39
CA HIS A 347 -14.70 -11.33 0.45
C HIS A 347 -15.89 -10.39 0.75
N LEU A 348 -15.80 -9.09 1.09
CA LEU A 348 -16.85 -8.13 1.38
C LEU A 348 -17.74 -7.94 0.16
N LEU A 349 -17.18 -7.77 -1.00
CA LEU A 349 -17.92 -7.57 -2.34
C LEU A 349 -18.70 -8.80 -2.52
N LYS A 350 -18.07 -9.90 -2.32
CA LYS A 350 -18.84 -11.20 -2.47
C LYS A 350 -19.98 -11.35 -1.56
N HIS A 351 -19.90 -10.97 -0.38
CA HIS A 351 -20.90 -10.89 0.57
C HIS A 351 -21.94 -10.01 0.12
N MET A 352 -21.69 -8.75 -0.43
CA MET A 352 -22.70 -7.80 -0.85
C MET A 352 -23.33 -8.27 -2.11
N MET A 353 -22.81 -9.21 -2.91
CA MET A 353 -23.61 -9.74 -4.01
C MET A 353 -24.34 -11.01 -3.59
N THR A 354 -24.18 -11.52 -2.38
CA THR A 354 -24.84 -12.80 -2.03
C THR A 354 -26.15 -12.53 -1.38
N SER A 355 -27.14 -13.36 -1.45
CA SER A 355 -28.40 -13.01 -0.79
C SER A 355 -29.13 -14.26 -0.68
N ASN A 356 -29.10 -14.68 -1.91
CA ASN A 356 -29.54 -15.89 -2.32
C ASN A 356 -29.49 -16.82 -1.13
N LYS A 357 -28.62 -16.56 -0.16
CA LYS A 357 -28.98 -17.26 1.19
C LYS A 357 -29.44 -16.45 2.48
N LYS A 358 -29.12 -15.13 2.62
CA LYS A 358 -29.33 -14.27 3.87
C LYS A 358 -30.74 -14.02 4.43
N LEU A 359 -31.65 -14.95 4.22
CA LEU A 359 -33.12 -14.89 4.59
C LEU A 359 -33.62 -14.03 5.85
N VAL A 360 -34.66 -13.09 5.48
CA VAL A 360 -35.69 -12.08 5.67
C VAL A 360 -35.08 -10.77 6.17
N ARG A 361 -35.92 -9.71 6.63
CA ARG A 361 -35.55 -8.14 6.71
C ARG A 361 -35.03 -7.57 8.10
N ALA A 362 -35.36 -6.26 8.47
CA ALA A 362 -34.68 -5.72 9.72
C ALA A 362 -35.08 -6.55 10.93
N ASP A 363 -34.90 -7.84 10.46
CA ASP A 363 -34.82 -9.21 11.05
C ASP A 363 -34.47 -9.13 12.49
N SER A 364 -33.79 -8.08 12.75
CA SER A 364 -34.01 -7.83 14.34
C SER A 364 -34.72 -6.70 15.09
N VAL A 365 -34.31 -5.40 15.19
CA VAL A 365 -35.28 -4.73 16.06
C VAL A 365 -35.07 -3.22 16.05
N SER A 366 -35.65 -2.70 17.16
CA SER A 366 -35.31 -1.56 17.83
C SER A 366 -35.95 -1.00 19.06
N GLU A 367 -35.29 0.00 19.43
CA GLU A 367 -35.54 0.92 20.49
C GLU A 367 -34.57 1.96 20.12
N LEU A 368 -33.80 1.53 19.15
CA LEU A 368 -32.27 1.77 19.14
C LEU A 368 -32.07 3.25 19.60
N PRO A 369 -30.92 3.44 20.32
CA PRO A 369 -30.45 4.73 20.52
C PRO A 369 -29.63 5.55 19.36
N ALA A 370 -29.70 6.80 19.34
CA ALA A 370 -29.19 7.29 18.14
C ALA A 370 -27.60 7.20 18.33
N PRO A 371 -26.95 7.08 17.18
CA PRO A 371 -25.42 7.05 17.21
C PRO A 371 -24.84 8.42 17.80
N ARG A 372 -23.86 8.27 18.71
CA ARG A 372 -23.28 9.44 19.31
C ARG A 372 -22.29 10.15 18.43
N ARG A 373 -22.25 11.44 18.51
CA ARG A 373 -21.43 12.30 17.75
C ARG A 373 -20.16 12.36 18.68
N LEU A 374 -18.90 12.18 18.24
CA LEU A 374 -17.69 12.41 19.05
C LEU A 374 -17.57 13.86 19.23
N ARG A 375 -17.35 14.41 20.49
CA ARG A 375 -17.18 15.79 20.61
C ARG A 375 -15.60 16.10 20.81
N TRP A 376 -15.37 17.37 20.70
CA TRP A 376 -14.07 17.91 20.64
C TRP A 376 -14.01 19.31 21.36
N LYS A 377 -12.90 19.45 22.05
CA LYS A 377 -12.60 20.92 22.54
C LYS A 377 -11.39 21.57 22.00
N CYS A 378 -11.58 22.32 20.96
CA CYS A 378 -10.51 22.70 20.03
C CYS A 378 -10.04 24.26 20.46
N SER A 379 -8.86 24.30 20.98
CA SER A 379 -8.21 25.50 21.67
C SER A 379 -7.88 26.20 20.48
N PRO A 380 -7.50 27.47 20.62
CA PRO A 380 -6.80 28.23 19.66
C PRO A 380 -5.54 27.66 18.96
N GLU A 381 -4.76 27.01 19.69
CA GLU A 381 -3.63 26.34 19.24
C GLU A 381 -4.15 25.35 18.17
N THR A 382 -5.07 24.48 18.52
CA THR A 382 -5.44 23.47 17.64
C THR A 382 -6.11 24.02 16.42
N GLN A 383 -6.88 25.22 16.36
CA GLN A 383 -7.52 26.04 15.27
C GLN A 383 -6.36 26.30 14.30
N GLY A 384 -5.24 26.85 14.78
CA GLY A 384 -4.01 27.09 14.03
C GLY A 384 -3.51 25.76 13.31
N HIS A 385 -3.37 24.70 13.99
CA HIS A 385 -2.92 23.26 13.60
C HIS A 385 -3.89 23.05 12.41
N LEU A 386 -5.19 23.22 12.53
CA LEU A 386 -6.13 23.02 11.25
C LEU A 386 -5.89 23.79 10.09
N ALA A 387 -5.65 25.06 10.27
CA ALA A 387 -5.34 25.91 9.23
C ALA A 387 -3.98 25.49 8.42
N SER A 388 -3.00 25.14 9.10
CA SER A 388 -1.76 24.72 8.46
C SER A 388 -1.96 23.37 7.85
N SER A 389 -2.68 22.47 8.54
CA SER A 389 -2.94 21.16 7.86
C SER A 389 -3.79 21.34 6.61
N ALA A 390 -4.67 22.27 6.56
CA ALA A 390 -5.43 22.56 5.33
C ALA A 390 -4.58 22.74 4.20
N GLU A 391 -3.71 23.73 4.28
CA GLU A 391 -2.63 24.14 3.39
C GLU A 391 -1.73 23.01 2.93
N LYS A 392 -1.16 22.26 3.90
CA LYS A 392 -0.33 21.10 3.49
C LYS A 392 -1.16 20.11 2.63
N LEU A 393 -2.42 19.76 3.05
CA LEU A 393 -3.21 18.79 2.32
C LEU A 393 -3.45 19.29 0.95
N GLN A 394 -3.69 20.63 0.84
CA GLN A 394 -3.94 21.35 -0.45
C GLN A 394 -2.75 21.21 -1.45
N ARG A 395 -1.50 21.13 -0.96
CA ARG A 395 -0.37 21.05 -1.71
C ARG A 395 -0.32 19.56 -2.22
N ILE A 396 -0.66 18.58 -1.36
CA ILE A 396 -0.59 17.14 -1.88
C ILE A 396 -1.65 17.00 -2.98
N VAL A 397 -2.85 17.53 -2.85
CA VAL A 397 -3.87 17.45 -3.86
C VAL A 397 -3.32 18.02 -5.24
N LYS A 398 -2.68 19.24 -5.20
CA LYS A 398 -2.19 19.89 -6.40
C LYS A 398 -1.00 19.21 -7.03
N ASN A 399 -0.20 18.50 -6.20
CA ASN A 399 1.07 17.91 -6.65
C ASN A 399 0.94 16.59 -7.24
N LEU A 400 -0.19 15.92 -7.06
CA LEU A 400 -0.17 14.55 -7.56
C LEU A 400 -0.64 14.47 -8.95
N ASP A 401 0.08 13.87 -9.90
CA ASP A 401 -0.16 13.61 -11.31
C ASP A 401 -0.44 12.19 -11.50
N PHE A 402 -1.72 11.86 -11.63
CA PHE A 402 -2.24 10.49 -11.72
C PHE A 402 -3.02 10.03 -12.86
N ILE A 403 -2.81 8.87 -13.33
CA ILE A 403 -3.63 8.36 -14.52
C ILE A 403 -3.85 6.96 -14.24
N VAL A 404 -5.05 6.49 -14.49
CA VAL A 404 -5.49 5.14 -14.76
C VAL A 404 -5.39 4.73 -16.23
N TYR A 405 -4.45 3.94 -16.59
CA TYR A 405 -4.19 3.65 -18.00
C TYR A 405 -4.68 2.26 -18.24
N LYS A 406 -5.76 1.91 -19.04
CA LYS A 406 -6.12 0.66 -19.34
C LYS A 406 -5.54 0.17 -20.69
N PHE A 407 -4.62 -0.63 -20.74
CA PHE A 407 -3.94 -1.29 -21.73
C PHE A 407 -4.91 -2.40 -22.22
N ASP A 408 -5.53 -2.17 -23.44
CA ASP A 408 -6.64 -3.15 -23.92
C ASP A 408 -6.16 -3.89 -25.09
N ASN A 409 -4.99 -3.76 -25.54
CA ASN A 409 -4.55 -4.52 -26.65
C ASN A 409 -4.22 -5.91 -26.49
N TYR A 410 -3.98 -6.45 -25.29
CA TYR A 410 -3.74 -7.79 -24.81
C TYR A 410 -3.51 -7.89 -23.35
N GLY A 411 -3.48 -9.06 -22.94
CA GLY A 411 -3.13 -9.29 -21.48
C GLY A 411 -2.42 -10.52 -21.18
N LYS A 412 -2.69 -11.21 -20.10
CA LYS A 412 -2.18 -12.44 -19.68
C LYS A 412 -2.18 -13.63 -20.69
N THR A 413 -3.33 -13.56 -21.29
CA THR A 413 -3.46 -14.76 -22.29
C THR A 413 -2.38 -14.74 -23.40
N PHE A 414 -2.16 -13.60 -24.09
CA PHE A 414 -1.11 -13.54 -24.87
C PHE A 414 0.09 -13.90 -24.55
N ILE A 415 0.54 -13.27 -23.24
CA ILE A 415 1.81 -13.44 -22.70
C ILE A 415 2.19 -14.87 -22.26
N LYS A 416 1.17 -15.56 -21.68
CA LYS A 416 1.35 -16.94 -21.26
C LYS A 416 1.43 -17.89 -22.66
N LYS A 417 0.78 -17.34 -23.68
CA LYS A 417 0.91 -18.20 -25.02
C LYS A 417 2.16 -18.03 -25.57
N GLN A 418 3.01 -17.06 -25.18
CA GLN A 418 4.39 -16.98 -25.36
C GLN A 418 5.41 -17.66 -24.50
N LYS A 419 4.93 -18.40 -23.65
CA LYS A 419 5.58 -19.06 -22.56
C LYS A 419 6.46 -18.17 -21.73
N TYR A 420 5.82 -17.07 -21.46
CA TYR A 420 6.49 -16.01 -20.47
C TYR A 420 5.50 -15.72 -19.35
N SER A 421 6.17 -15.37 -18.29
CA SER A 421 5.47 -14.86 -17.10
C SER A 421 4.89 -13.55 -17.18
N PRO A 422 3.54 -13.25 -16.89
CA PRO A 422 2.95 -12.02 -17.06
C PRO A 422 3.69 -10.96 -16.25
N ASP A 423 4.02 -11.26 -15.00
CA ASP A 423 4.60 -10.28 -14.09
C ASP A 423 5.92 -9.94 -14.80
N GLY A 424 6.77 -10.85 -15.13
CA GLY A 424 8.11 -10.54 -15.56
C GLY A 424 8.12 -9.76 -16.79
N PHE A 425 7.20 -10.10 -17.78
CA PHE A 425 7.06 -9.38 -18.94
C PHE A 425 6.65 -7.95 -18.84
N ILE A 426 5.69 -7.67 -17.88
CA ILE A 426 5.32 -6.32 -17.48
C ILE A 426 6.53 -5.55 -16.91
N GLN A 427 7.23 -6.16 -16.05
CA GLN A 427 8.45 -5.55 -15.45
C GLN A 427 9.45 -5.14 -16.45
N VAL A 428 9.66 -6.00 -17.46
CA VAL A 428 10.65 -5.64 -18.52
C VAL A 428 9.90 -4.50 -19.30
N ALA A 429 8.58 -4.46 -19.73
CA ALA A 429 7.96 -3.42 -20.41
C ALA A 429 8.12 -2.12 -19.54
N LEU A 430 8.03 -2.06 -18.23
CA LEU A 430 8.32 -0.89 -17.48
C LEU A 430 9.68 -0.26 -17.60
N GLN A 431 10.64 -1.18 -17.60
CA GLN A 431 12.08 -0.83 -17.83
C GLN A 431 12.11 -0.21 -19.28
N LEU A 432 11.59 -0.83 -20.34
CA LEU A 432 11.74 -0.20 -21.66
C LEU A 432 11.02 1.04 -21.60
N ALA A 433 9.93 1.34 -20.97
CA ALA A 433 9.21 2.64 -20.96
C ALA A 433 10.02 3.76 -20.44
N TYR A 434 10.74 3.32 -19.36
CA TYR A 434 11.61 4.23 -18.58
C TYR A 434 12.83 4.57 -19.50
N TYR A 435 13.42 3.62 -20.23
CA TYR A 435 14.62 3.88 -20.96
C TYR A 435 14.24 4.70 -22.15
N ARG A 436 13.07 4.42 -22.88
CA ARG A 436 12.79 5.17 -24.09
C ARG A 436 12.38 6.57 -23.68
N LEU A 437 12.11 7.10 -22.48
CA LEU A 437 11.94 8.37 -22.02
C LEU A 437 13.20 9.05 -21.58
N TYR A 438 14.11 8.29 -20.97
CA TYR A 438 15.19 8.85 -20.13
C TYR A 438 16.60 8.47 -20.62
N GLN A 439 16.69 7.41 -21.48
CA GLN A 439 17.91 6.91 -22.05
C GLN A 439 18.93 6.40 -20.98
N ARG A 440 18.33 5.87 -19.76
CA ARG A 440 19.07 5.21 -18.77
C ARG A 440 17.90 4.34 -18.04
N LEU A 441 18.48 3.46 -17.19
CA LEU A 441 17.59 2.71 -16.17
C LEU A 441 17.88 3.37 -14.92
N VAL A 442 17.00 3.16 -13.92
CA VAL A 442 17.18 3.71 -12.55
C VAL A 442 16.83 2.57 -11.51
N PRO A 443 17.33 2.68 -10.36
CA PRO A 443 16.90 1.70 -9.20
C PRO A 443 15.45 1.65 -9.20
N THR A 444 15.00 0.39 -9.15
CA THR A 444 13.47 0.05 -9.25
C THR A 444 13.14 -0.88 -8.22
N TYR A 445 12.01 -0.71 -7.69
CA TYR A 445 11.43 -1.49 -6.46
C TYR A 445 10.30 -2.24 -7.19
N GLU A 446 10.19 -3.56 -6.94
CA GLU A 446 9.04 -4.34 -7.15
C GLU A 446 8.92 -5.20 -5.89
N SER A 447 7.71 -5.11 -5.29
CA SER A 447 7.29 -5.89 -4.05
C SER A 447 7.31 -7.38 -4.28
N ALA A 448 7.89 -8.25 -3.51
CA ALA A 448 7.86 -9.67 -3.61
C ALA A 448 7.46 -10.11 -2.20
N SER A 449 6.34 -10.91 -2.26
CA SER A 449 5.94 -11.44 -0.88
C SER A 449 6.83 -12.47 -0.40
N ILE A 450 7.10 -12.45 0.94
CA ILE A 450 7.87 -13.44 1.64
C ILE A 450 6.85 -14.10 2.60
N ARG A 451 5.59 -14.07 2.36
CA ARG A 451 4.54 -14.69 3.28
C ARG A 451 4.74 -16.17 3.33
N ARG A 452 5.60 -16.83 2.56
CA ARG A 452 5.82 -18.23 2.90
C ARG A 452 6.46 -18.39 4.27
N PHE A 453 7.13 -17.40 4.78
CA PHE A 453 7.77 -17.37 6.02
C PHE A 453 7.02 -16.82 7.16
N GLN A 454 7.50 -17.17 8.49
CA GLN A 454 6.77 -16.63 9.66
C GLN A 454 6.85 -15.13 9.62
N GLU A 455 5.69 -14.45 9.76
CA GLU A 455 5.66 -13.00 9.91
C GLU A 455 6.03 -12.34 8.59
N GLY A 456 6.12 -13.13 7.61
CA GLY A 456 6.71 -12.48 6.38
C GLY A 456 5.89 -11.43 5.67
N ARG A 457 6.58 -10.35 5.39
CA ARG A 457 5.95 -9.21 4.56
C ARG A 457 6.46 -9.17 3.15
N VAL A 458 7.38 -8.41 2.87
CA VAL A 458 7.86 -8.35 1.43
C VAL A 458 9.42 -8.19 1.52
N ASP A 459 10.04 -8.56 0.39
CA ASP A 459 11.41 -8.12 -0.07
C ASP A 459 11.39 -7.44 -1.48
N ASN A 460 12.45 -7.12 -1.96
CA ASN A 460 12.42 -6.28 -3.17
C ASN A 460 12.92 -7.13 -4.32
N ILE A 461 12.28 -7.10 -5.57
CA ILE A 461 12.82 -7.59 -6.81
C ILE A 461 13.45 -6.42 -7.56
N ARG A 462 14.81 -6.42 -7.79
CA ARG A 462 15.38 -5.25 -8.45
C ARG A 462 15.33 -5.49 -10.05
N SER A 463 14.25 -5.01 -10.52
CA SER A 463 14.02 -5.34 -11.95
C SER A 463 14.98 -4.56 -12.93
N ALA A 464 15.68 -3.57 -12.54
CA ALA A 464 16.57 -2.75 -13.36
C ALA A 464 17.90 -3.55 -13.61
N THR A 465 17.86 -4.78 -14.15
CA THR A 465 18.90 -5.73 -14.35
C THR A 465 19.77 -5.29 -15.53
N PRO A 466 21.03 -5.77 -15.29
CA PRO A 466 21.92 -5.58 -16.57
C PRO A 466 21.44 -6.17 -17.82
N GLU A 467 20.68 -7.32 -17.69
CA GLU A 467 20.11 -7.87 -18.89
C GLU A 467 18.98 -7.11 -19.44
N ALA A 468 18.16 -6.47 -18.59
CA ALA A 468 17.12 -5.46 -19.13
C ALA A 468 17.87 -4.38 -19.75
N LEU A 469 18.92 -3.82 -19.27
CA LEU A 469 19.63 -2.64 -19.99
C LEU A 469 20.11 -3.18 -21.24
N ALA A 470 20.66 -4.31 -21.42
CA ALA A 470 21.12 -4.96 -22.71
C ALA A 470 19.92 -4.87 -23.85
N PHE A 471 18.80 -5.33 -23.28
CA PHE A 471 17.60 -5.40 -24.29
C PHE A 471 17.09 -4.07 -24.63
N VAL A 472 16.84 -3.08 -23.66
CA VAL A 472 16.25 -1.82 -24.00
C VAL A 472 17.17 -0.97 -24.83
N GLN A 473 18.53 -1.24 -24.62
CA GLN A 473 19.49 -0.34 -25.53
C GLN A 473 19.25 -0.84 -26.99
N ALA A 474 18.71 -1.97 -27.30
CA ALA A 474 18.33 -2.25 -28.91
C ALA A 474 17.28 -1.55 -29.48
N MET A 475 16.44 -0.92 -28.65
CA MET A 475 15.08 -0.65 -29.23
C MET A 475 14.68 0.75 -29.19
N THR A 476 15.76 1.50 -29.17
CA THR A 476 15.84 2.92 -29.06
C THR A 476 17.22 3.20 -29.49
N ASP A 477 17.83 2.26 -29.97
CA ASP A 477 19.14 2.65 -29.98
C ASP A 477 19.77 1.93 -30.96
N HIS A 478 19.46 2.59 -31.95
CA HIS A 478 20.01 1.98 -33.11
C HIS A 478 19.42 0.58 -33.25
N LYS A 479 18.29 0.87 -33.84
CA LYS A 479 17.12 0.20 -34.31
C LYS A 479 17.17 0.11 -35.83
N ALA A 480 17.82 1.13 -36.43
CA ALA A 480 17.77 1.05 -37.76
C ALA A 480 17.89 -0.40 -38.05
N ALA A 481 19.06 -0.94 -37.73
CA ALA A 481 19.39 -2.15 -38.29
C ALA A 481 18.96 -3.08 -37.27
N MET A 482 19.73 -4.07 -37.18
CA MET A 482 19.57 -4.82 -35.94
C MET A 482 18.20 -5.66 -36.10
N PRO A 483 18.44 -6.86 -36.54
CA PRO A 483 17.38 -7.83 -36.70
C PRO A 483 16.40 -8.11 -35.52
N ALA A 484 15.08 -8.15 -35.85
CA ALA A 484 14.21 -8.30 -34.70
C ALA A 484 14.61 -9.57 -34.02
N SER A 485 15.11 -10.68 -34.64
CA SER A 485 15.38 -11.94 -33.98
C SER A 485 16.47 -11.78 -32.91
N GLU A 486 17.38 -10.93 -33.13
CA GLU A 486 18.42 -10.64 -32.31
C GLU A 486 17.75 -10.03 -30.85
N LYS A 487 16.89 -9.03 -31.37
CA LYS A 487 16.19 -8.32 -30.22
C LYS A 487 15.48 -9.37 -29.33
N LEU A 488 14.87 -10.34 -29.99
CA LEU A 488 14.02 -11.26 -29.29
C LEU A 488 14.84 -12.05 -28.32
N GLN A 489 15.99 -12.41 -28.80
CA GLN A 489 17.01 -13.26 -27.93
C GLN A 489 17.29 -12.24 -26.70
N LEU A 490 17.53 -10.99 -26.89
CA LEU A 490 17.88 -10.02 -25.70
C LEU A 490 16.56 -10.11 -24.82
N LEU A 491 15.35 -10.14 -25.38
CA LEU A 491 14.13 -10.11 -24.62
C LEU A 491 14.12 -11.34 -23.77
N GLN A 492 14.42 -12.47 -24.38
CA GLN A 492 14.47 -13.75 -23.67
C GLN A 492 15.50 -13.71 -22.55
N THR A 493 16.63 -13.28 -22.63
CA THR A 493 17.65 -13.21 -21.67
C THR A 493 17.13 -12.30 -20.30
N ALA A 494 16.61 -11.19 -20.83
CA ALA A 494 16.08 -10.24 -19.71
C ALA A 494 14.95 -11.00 -19.08
N MET A 495 14.06 -11.65 -19.72
CA MET A 495 13.00 -12.43 -18.93
C MET A 495 13.51 -13.39 -18.10
N GLN A 496 14.43 -14.21 -18.60
CA GLN A 496 15.08 -15.16 -17.67
C GLN A 496 15.74 -14.52 -16.45
N ALA A 497 16.31 -13.42 -16.53
CA ALA A 497 16.94 -12.77 -15.48
C ALA A 497 15.84 -12.22 -14.43
N GLN A 498 14.82 -11.74 -14.94
CA GLN A 498 13.65 -11.25 -14.18
C GLN A 498 13.00 -12.38 -13.48
N THR A 499 12.73 -13.50 -14.15
CA THR A 499 12.19 -14.67 -13.49
C THR A 499 13.15 -15.20 -12.44
N GLU A 500 14.50 -15.33 -12.66
CA GLU A 500 15.42 -15.74 -11.62
C GLU A 500 15.39 -14.78 -10.44
N TYR A 501 15.45 -13.40 -10.56
CA TYR A 501 15.51 -12.51 -9.33
C TYR A 501 14.21 -12.75 -8.54
N THR A 502 13.04 -12.94 -9.29
CA THR A 502 11.70 -13.06 -8.62
C THR A 502 11.78 -14.28 -7.57
N VAL A 503 12.30 -15.48 -8.22
CA VAL A 503 12.44 -16.65 -7.20
C VAL A 503 13.32 -16.46 -6.13
N MET A 504 14.41 -15.75 -6.33
CA MET A 504 15.33 -15.42 -5.40
C MET A 504 14.60 -14.64 -4.23
N ALA A 505 13.91 -13.58 -4.71
CA ALA A 505 13.30 -12.74 -3.60
C ALA A 505 12.26 -13.46 -2.84
N ILE A 506 11.30 -14.19 -3.53
CA ILE A 506 10.18 -14.90 -2.75
C ILE A 506 10.68 -16.00 -1.97
N THR A 507 11.90 -16.47 -2.15
CA THR A 507 12.47 -17.55 -1.19
C THR A 507 13.42 -16.98 -0.21
N GLY A 508 13.47 -15.66 0.05
CA GLY A 508 14.34 -15.11 1.04
C GLY A 508 15.73 -14.94 0.78
N MET A 509 16.10 -15.13 -0.51
CA MET A 509 17.48 -15.06 -0.97
C MET A 509 17.90 -13.77 -1.67
N ALA A 510 17.06 -12.76 -1.69
CA ALA A 510 17.54 -11.50 -2.41
C ALA A 510 18.21 -10.66 -1.33
N ILE A 511 18.49 -9.35 -1.53
CA ILE A 511 19.47 -8.56 -0.84
C ILE A 511 18.96 -7.47 0.11
N ASP A 512 17.82 -6.97 -0.13
CA ASP A 512 17.42 -5.70 0.50
C ASP A 512 17.24 -5.80 2.03
N ASN A 513 16.47 -6.78 2.38
CA ASN A 513 16.20 -7.12 3.72
C ASN A 513 17.56 -7.51 4.55
N HIS A 514 18.46 -8.26 3.89
CA HIS A 514 19.74 -8.63 4.46
C HIS A 514 20.58 -7.37 4.75
N LEU A 515 20.71 -6.57 3.71
CA LEU A 515 21.52 -5.35 3.89
C LEU A 515 20.94 -4.42 4.92
N LEU A 516 19.54 -4.32 5.01
CA LEU A 516 18.94 -3.57 6.04
C LEU A 516 19.36 -4.07 7.42
N ALA A 517 19.24 -5.40 7.55
CA ALA A 517 19.52 -5.85 8.97
C ALA A 517 21.00 -5.71 9.36
N LEU A 518 21.89 -5.90 8.43
CA LEU A 518 23.36 -5.62 8.69
C LEU A 518 23.50 -4.20 9.04
N ARG A 519 22.82 -3.27 8.30
CA ARG A 519 22.98 -1.79 8.49
C ARG A 519 22.52 -1.40 9.89
N GLU A 520 21.41 -2.02 10.29
CA GLU A 520 20.76 -1.78 11.69
C GLU A 520 21.56 -2.42 12.74
N LEU A 521 22.12 -3.47 12.46
CA LEU A 521 22.90 -4.19 13.53
C LEU A 521 24.14 -3.37 13.64
N ALA A 522 24.77 -2.75 12.56
CA ALA A 522 25.90 -1.82 12.68
C ALA A 522 25.70 -0.64 13.63
N ARG A 523 24.50 -0.12 13.47
CA ARG A 523 23.98 1.06 14.08
C ARG A 523 23.98 0.91 15.51
N ASP A 524 23.65 -0.28 15.82
CA ASP A 524 23.63 -0.65 17.19
C ASP A 524 24.90 -0.85 17.98
N LEU A 525 25.53 -2.05 18.00
CA LEU A 525 26.34 -2.14 19.29
C LEU A 525 27.64 -1.74 18.62
N CYS A 526 27.74 -1.75 17.31
CA CYS A 526 29.07 -1.51 16.79
C CYS A 526 29.30 -0.12 16.24
N LYS A 527 28.93 0.90 16.98
CA LYS A 527 29.46 2.19 16.56
C LYS A 527 29.09 2.91 15.28
N GLU A 528 29.96 3.91 15.01
CA GLU A 528 29.71 5.09 14.06
C GLU A 528 29.63 4.45 12.66
N PRO A 529 29.31 5.21 11.57
CA PRO A 529 28.71 4.37 10.55
C PRO A 529 29.71 3.96 9.63
N PRO A 530 29.40 2.76 9.11
CA PRO A 530 30.38 2.18 8.33
C PRO A 530 30.41 2.70 6.97
N GLU A 531 31.54 2.76 6.32
CA GLU A 531 31.78 3.09 5.01
C GLU A 531 30.74 2.36 3.92
N MET A 532 30.52 1.09 4.28
CA MET A 532 29.63 0.27 3.37
C MET A 532 28.32 0.91 3.21
N PHE A 533 27.69 1.49 4.28
CA PHE A 533 26.31 2.04 4.23
C PHE A 533 26.27 3.61 4.06
N MET A 534 27.40 4.24 4.14
CA MET A 534 27.54 5.67 3.87
C MET A 534 27.92 5.94 2.42
N ASP A 535 28.24 4.80 1.81
CA ASP A 535 28.59 4.84 0.39
C ASP A 535 27.45 5.35 -0.43
N GLU A 536 27.76 6.35 -1.44
CA GLU A 536 26.70 6.86 -2.34
C GLU A 536 26.05 5.84 -3.21
N THR A 537 26.78 4.68 -3.43
CA THR A 537 26.12 3.54 -4.12
C THR A 537 25.06 2.93 -3.32
N TYR A 538 25.29 2.77 -2.05
CA TYR A 538 24.27 2.22 -1.19
C TYR A 538 23.07 3.16 -1.04
N LEU A 539 23.30 4.42 -1.00
CA LEU A 539 22.20 5.29 -0.87
C LEU A 539 21.37 5.45 -2.12
N MET A 540 22.05 5.51 -3.32
CA MET A 540 21.40 5.48 -4.61
C MET A 540 20.59 4.23 -4.85
N SER A 541 21.14 3.17 -4.21
CA SER A 541 20.43 1.92 -4.44
C SER A 541 19.06 1.81 -3.90
N ASN A 542 18.67 2.61 -2.87
CA ASN A 542 17.45 2.66 -2.24
C ASN A 542 16.55 3.87 -2.51
N ARG A 543 17.00 4.57 -3.60
CA ARG A 543 16.23 5.73 -3.97
C ARG A 543 15.32 5.21 -5.22
N PHE A 544 14.07 4.67 -4.99
CA PHE A 544 13.35 3.90 -5.98
C PHE A 544 12.60 4.91 -6.86
N VAL A 545 13.25 5.35 -7.96
CA VAL A 545 12.62 6.26 -8.81
C VAL A 545 11.48 5.62 -9.64
N LEU A 546 11.62 4.29 -9.75
CA LEU A 546 10.54 3.43 -10.25
C LEU A 546 10.05 2.53 -9.10
N SER A 547 8.80 2.78 -8.59
CA SER A 547 8.37 1.89 -7.49
C SER A 547 7.08 1.18 -7.92
N THR A 548 7.05 -0.14 -7.89
CA THR A 548 6.03 -0.94 -8.64
C THR A 548 5.49 -2.05 -7.71
N SER A 549 4.34 -2.49 -8.12
CA SER A 549 3.80 -3.78 -7.44
C SER A 549 2.77 -4.21 -8.52
N GLN A 550 2.53 -5.57 -8.45
CA GLN A 550 1.41 -6.26 -9.02
C GLN A 550 0.36 -6.44 -7.98
N VAL A 551 -0.81 -6.00 -8.24
CA VAL A 551 -1.98 -6.10 -7.21
C VAL A 551 -3.12 -6.71 -8.12
N PRO A 552 -3.08 -8.05 -8.31
CA PRO A 552 -4.12 -8.66 -9.20
C PRO A 552 -5.55 -8.74 -8.45
N THR A 553 -6.58 -8.74 -9.20
CA THR A 553 -7.95 -8.92 -8.68
C THR A 553 -8.66 -9.84 -9.53
N THR A 554 -9.73 -10.28 -8.87
CA THR A 554 -10.96 -10.98 -9.48
C THR A 554 -12.18 -10.06 -9.68
N MET A 555 -12.26 -9.29 -8.73
CA MET A 555 -13.31 -8.25 -8.76
C MET A 555 -12.91 -7.25 -9.66
N GLU A 556 -13.83 -6.41 -10.14
CA GLU A 556 -13.61 -5.29 -11.03
C GLU A 556 -13.34 -4.00 -10.25
N MET A 557 -12.09 -3.88 -9.90
CA MET A 557 -11.44 -2.93 -8.82
C MET A 557 -9.94 -2.83 -9.15
N PHE A 558 -9.36 -1.73 -8.65
CA PHE A 558 -7.94 -1.54 -8.96
C PHE A 558 -7.29 -0.84 -7.71
N CYS A 559 -5.95 -1.12 -7.56
CA CYS A 559 -5.17 -0.54 -6.34
C CYS A 559 -4.32 0.62 -7.12
N CYS A 560 -4.01 1.66 -6.24
CA CYS A 560 -3.11 2.78 -6.65
C CYS A 560 -2.39 3.23 -5.41
N TYR A 561 -1.37 4.10 -5.69
CA TYR A 561 -0.52 4.73 -4.65
C TYR A 561 0.31 5.82 -5.40
N GLY A 562 0.86 6.66 -4.53
CA GLY A 562 1.80 7.70 -5.02
C GLY A 562 3.26 7.22 -5.17
N PRO A 563 4.20 8.02 -5.61
CA PRO A 563 5.54 7.66 -5.73
C PRO A 563 6.16 7.75 -4.42
N VAL A 564 7.38 7.18 -4.29
CA VAL A 564 8.12 7.07 -3.10
C VAL A 564 9.39 8.01 -3.03
N VAL A 565 9.69 8.73 -4.04
CA VAL A 565 10.71 9.74 -4.05
C VAL A 565 10.16 10.87 -4.86
N PRO A 566 10.77 12.12 -4.73
CA PRO A 566 10.21 13.26 -5.42
C PRO A 566 10.33 13.19 -6.97
N ASN A 567 11.34 12.56 -7.41
CA ASN A 567 11.50 12.48 -8.77
C ASN A 567 11.06 11.12 -9.40
N GLY A 568 10.17 10.45 -8.60
CA GLY A 568 9.70 9.07 -8.91
C GLY A 568 8.34 9.02 -9.46
N TYR A 569 8.10 7.72 -9.90
CA TYR A 569 6.81 7.22 -10.31
C TYR A 569 6.36 6.07 -9.40
N GLY A 570 5.12 5.99 -9.21
CA GLY A 570 4.51 4.80 -8.62
C GLY A 570 3.78 4.04 -9.73
N ALA A 571 3.92 2.75 -9.92
CA ALA A 571 3.22 2.06 -10.96
C ALA A 571 2.68 0.67 -10.39
N CYS A 572 1.39 0.63 -10.27
CA CYS A 572 0.60 -0.45 -9.69
C CYS A 572 -0.13 -1.09 -10.82
N TYR A 573 -0.04 -2.38 -11.14
CA TYR A 573 -0.74 -3.02 -12.31
C TYR A 573 -1.54 -4.22 -11.94
N ASN A 574 -2.69 -4.32 -12.62
CA ASN A 574 -3.70 -5.46 -12.43
C ASN A 574 -3.72 -6.21 -13.78
N PRO A 575 -3.05 -7.26 -13.96
CA PRO A 575 -2.96 -7.97 -15.29
C PRO A 575 -4.22 -9.01 -15.33
N GLN A 576 -4.90 -8.82 -16.28
CA GLN A 576 -6.16 -9.62 -16.61
C GLN A 576 -5.79 -10.44 -17.84
N PRO A 577 -6.74 -11.42 -18.23
CA PRO A 577 -6.42 -12.21 -19.52
C PRO A 577 -6.46 -11.29 -20.65
N GLU A 578 -7.26 -10.23 -20.82
CA GLU A 578 -7.21 -9.52 -22.16
C GLU A 578 -6.84 -8.15 -22.19
N ALA A 579 -6.47 -7.65 -20.84
CA ALA A 579 -6.15 -6.28 -20.62
C ALA A 579 -5.28 -6.26 -19.32
N ILE A 580 -4.44 -5.15 -19.23
CA ILE A 580 -3.69 -4.77 -18.01
C ILE A 580 -4.08 -3.35 -17.63
N THR A 581 -4.38 -3.12 -16.39
CA THR A 581 -4.69 -1.83 -15.85
C THR A 581 -3.40 -1.31 -15.07
N PHE A 582 -2.87 -0.18 -15.60
CA PHE A 582 -1.74 0.48 -14.91
C PHE A 582 -2.20 1.74 -14.30
N CYS A 583 -1.82 1.85 -13.03
CA CYS A 583 -2.08 3.02 -12.20
C CYS A 583 -0.76 3.82 -11.97
N ILE A 584 -0.52 4.91 -12.73
CA ILE A 584 0.71 5.57 -12.83
C ILE A 584 0.60 6.85 -12.07
N SER A 585 1.42 7.15 -11.00
CA SER A 585 1.59 8.38 -10.22
C SER A 585 2.96 8.92 -10.37
N SER A 586 2.97 10.21 -10.22
CA SER A 586 4.14 11.15 -10.30
C SER A 586 3.78 12.46 -9.53
N PHE A 587 4.86 13.23 -9.41
CA PHE A 587 4.58 14.60 -8.77
C PHE A 587 4.81 15.77 -9.81
N HIS A 588 3.82 16.69 -9.91
CA HIS A 588 3.95 17.84 -10.81
C HIS A 588 5.18 18.66 -10.44
N SER A 589 5.65 18.66 -9.17
CA SER A 589 6.83 19.44 -8.77
C SER A 589 8.08 19.01 -9.30
N CYS A 590 8.20 17.76 -9.89
CA CYS A 590 9.33 17.33 -10.53
C CYS A 590 9.15 17.40 -12.10
N LYS A 591 9.98 18.18 -12.75
CA LYS A 591 9.64 18.65 -14.08
C LYS A 591 10.16 17.70 -15.14
N GLU A 592 10.64 16.70 -14.68
CA GLU A 592 11.26 15.65 -15.53
C GLU A 592 10.32 14.38 -15.48
N THR A 593 9.27 14.40 -14.74
CA THR A 593 8.35 13.20 -14.84
C THR A 593 7.01 13.72 -15.31
N SER A 594 6.16 12.83 -15.91
CA SER A 594 4.87 13.06 -16.36
C SER A 594 4.10 11.73 -16.32
N SER A 595 3.11 11.55 -15.58
CA SER A 595 2.36 10.28 -15.58
C SER A 595 1.70 9.86 -16.97
N VAL A 596 1.16 10.90 -17.66
CA VAL A 596 0.55 10.52 -19.03
C VAL A 596 1.62 10.08 -19.95
N GLU A 597 2.77 10.71 -19.98
CA GLU A 597 3.98 10.46 -20.75
C GLU A 597 4.44 9.01 -20.49
N PHE A 598 4.62 8.72 -19.28
CA PHE A 598 5.14 7.36 -18.94
C PHE A 598 4.04 6.30 -19.20
N ALA A 599 2.76 6.51 -18.97
CA ALA A 599 1.77 5.62 -19.18
C ALA A 599 1.74 5.26 -20.88
N GLU A 600 1.81 6.39 -21.55
CA GLU A 600 1.88 6.20 -22.89
C GLU A 600 3.05 5.36 -23.53
N ALA A 601 4.14 5.61 -22.89
CA ALA A 601 5.44 4.85 -23.04
C ALA A 601 5.39 3.41 -22.59
N VAL A 602 4.62 3.04 -21.70
CA VAL A 602 4.33 1.63 -21.29
C VAL A 602 3.51 0.98 -22.40
N GLY A 603 2.53 1.69 -22.78
CA GLY A 603 1.74 1.03 -24.00
C GLY A 603 2.61 0.86 -25.09
N ALA A 604 3.42 1.79 -25.45
CA ALA A 604 4.08 1.68 -26.81
C ALA A 604 5.10 0.68 -26.61
N SER A 605 5.73 0.32 -25.38
CA SER A 605 6.66 -0.63 -24.99
C SER A 605 6.07 -2.02 -25.07
N LEU A 606 4.81 -2.19 -24.62
CA LEU A 606 3.99 -3.41 -24.80
C LEU A 606 3.61 -3.81 -26.18
N VAL A 607 3.35 -2.74 -26.85
CA VAL A 607 3.00 -2.90 -28.35
C VAL A 607 4.21 -3.51 -29.03
N ASP A 608 5.39 -2.88 -28.78
CA ASP A 608 6.69 -3.18 -29.49
C ASP A 608 7.09 -4.52 -29.10
N MET A 609 7.04 -5.02 -27.76
CA MET A 609 7.47 -6.22 -27.30
C MET A 609 6.47 -7.36 -27.81
N ARG A 610 5.22 -7.20 -27.92
CA ARG A 610 4.42 -8.23 -28.68
C ARG A 610 4.85 -8.34 -30.07
N ASP A 611 5.10 -7.21 -30.82
CA ASP A 611 5.65 -7.28 -32.28
C ASP A 611 6.80 -8.18 -32.30
N LEU A 612 7.83 -8.03 -31.37
CA LEU A 612 8.98 -8.90 -31.28
C LEU A 612 8.80 -10.30 -31.10
N CYS A 613 7.70 -10.66 -30.43
CA CYS A 613 7.37 -12.06 -30.21
C CYS A 613 6.93 -12.78 -31.53
N SER A 614 6.54 -11.91 -32.61
CA SER A 614 5.97 -12.54 -33.80
C SER A 614 6.64 -12.17 -34.85
N SER A 615 7.87 -12.69 -34.85
CA SER A 615 8.85 -12.76 -35.86
C SER A 615 9.04 -14.22 -35.73
#